data_5CVT
#
_entry.id   5CVT
#
_cell.length_a   98.695
_cell.length_b   98.695
_cell.length_c   165.057
_cell.angle_alpha   90.00
_cell.angle_beta   90.00
_cell.angle_gamma   90.00
#
_symmetry.space_group_name_H-M   'I 4 2 2'
#
loop_
_entity.id
_entity.type
_entity.pdbx_description
1 polymer 'N5-carboxyaminoimidazole ribonucleotide mutase'
2 non-polymer 'ACETATE ION'
3 non-polymer 'CITRIC ACID'
4 non-polymer 'POTASSIUM ION'
5 non-polymer 2,5,8,11-TETRAOXATRIDECANE
6 water water
#
_entity_poly.entity_id   1
_entity_poly.type   'polypeptide(L)'
_entity_poly.pdbx_seq_one_letter_code
;MMSETAPLPSASSALEDKAASAPVVGIIMGSQSDFETMRHADALLTELEIPHETLIVSAHRTPDRLADYARTAAERGLNV
IIAGAGGAAHLPGMCAA(FTR)TRLPVLGVPVESRALKGMDSLLSIVQMPGGVPVGTLAIGASGAKNAALLAASILALYN
PALAARLETFRALQTASVPNSPITEDK
;
_entity_poly.pdbx_strand_id   A,B
#
loop_
_chem_comp.id
_chem_comp.type
_chem_comp.name
_chem_comp.formula
ACT non-polymer 'ACETATE ION' 'C2 H3 O2 -1'
CIT non-polymer 'CITRIC ACID' 'C6 H8 O7'
K non-polymer 'POTASSIUM ION' 'K 1'
PGF non-polymer 2,5,8,11-TETRAOXATRIDECANE 'C9 H20 O4'
#
# COMPACT_ATOMS: atom_id res chain seq x y z
N SER A 21 20.86 1.89 13.78
CA SER A 21 20.03 0.75 14.19
C SER A 21 18.77 1.20 14.92
N ALA A 22 18.49 2.50 14.89
CA ALA A 22 17.18 2.98 15.31
C ALA A 22 16.16 2.44 14.30
N PRO A 23 14.93 2.15 14.75
CA PRO A 23 13.97 1.50 13.86
C PRO A 23 13.53 2.39 12.69
N VAL A 24 13.34 1.80 11.53
CA VAL A 24 12.82 2.53 10.38
C VAL A 24 11.45 2.01 9.96
N VAL A 25 11.02 0.88 10.53
CA VAL A 25 9.66 0.38 10.35
C VAL A 25 9.10 0.07 11.73
N GLY A 26 7.83 0.43 11.90
CA GLY A 26 7.09 0.11 13.09
C GLY A 26 5.99 -0.89 12.72
N ILE A 27 6.05 -2.05 13.35
CA ILE A 27 4.98 -3.03 13.27
C ILE A 27 4.13 -2.90 14.52
N ILE A 28 2.87 -2.55 14.36
CA ILE A 28 1.97 -2.41 15.48
C ILE A 28 0.75 -3.28 15.25
N MET A 29 0.17 -3.76 16.34
CA MET A 29 -0.94 -4.70 16.24
C MET A 29 -1.87 -4.50 17.42
N GLY A 30 -3.14 -4.82 17.22
CA GLY A 30 -4.15 -4.51 18.22
C GLY A 30 -4.09 -5.31 19.50
N SER A 31 -3.56 -6.54 19.44
CA SER A 31 -3.57 -7.43 20.60
C SER A 31 -2.49 -8.49 20.50
N GLN A 32 -2.22 -9.15 21.62
CA GLN A 32 -1.31 -10.29 21.62
C GLN A 32 -1.79 -11.38 20.64
N SER A 33 -3.09 -11.60 20.56
CA SER A 33 -3.62 -12.64 19.66
C SER A 33 -3.26 -12.36 18.20
N ASP A 34 -3.21 -11.07 17.83
CA ASP A 34 -2.82 -10.70 16.47
C ASP A 34 -1.37 -11.08 16.12
N PHE A 35 -0.54 -11.33 17.13
CA PHE A 35 0.87 -11.62 16.88
C PHE A 35 1.05 -12.95 16.16
N GLU A 36 0.11 -13.88 16.32
CA GLU A 36 0.21 -15.13 15.60
C GLU A 36 0.28 -14.85 14.08
N THR A 37 -0.36 -13.76 13.67
CA THR A 37 -0.29 -13.28 12.28
C THR A 37 0.89 -12.33 12.06
N MET A 38 1.04 -11.32 12.90
CA MET A 38 2.01 -10.26 12.62
C MET A 38 3.46 -10.68 12.87
N ARG A 39 3.69 -11.82 13.55
CA ARG A 39 5.04 -12.34 13.70
C ARG A 39 5.69 -12.63 12.35
N HIS A 40 4.88 -12.89 11.32
CA HIS A 40 5.40 -13.18 10.00
C HIS A 40 6.02 -11.93 9.36
N ALA A 41 5.48 -10.76 9.71
CA ALA A 41 6.06 -9.50 9.27
C ALA A 41 7.35 -9.23 10.01
N ASP A 42 7.32 -9.45 11.31
CA ASP A 42 8.49 -9.29 12.17
C ASP A 42 9.63 -10.20 11.66
N ALA A 43 9.30 -11.44 11.33
CA ALA A 43 10.34 -12.39 10.91
C ALA A 43 10.99 -11.96 9.59
N LEU A 44 10.18 -11.45 8.67
CA LEU A 44 10.67 -11.08 7.34
C LEU A 44 11.57 -9.84 7.43
N LEU A 45 11.18 -8.86 8.23
CA LEU A 45 12.02 -7.68 8.42
C LEU A 45 13.36 -8.09 9.02
N THR A 46 13.34 -9.04 9.95
CA THR A 46 14.59 -9.51 10.53
C THR A 46 15.44 -10.20 9.47
N GLU A 47 14.79 -11.03 8.65
CA GLU A 47 15.49 -11.75 7.59
C GLU A 47 16.20 -10.80 6.63
N LEU A 48 15.55 -9.70 6.29
CA LEU A 48 16.14 -8.69 5.41
C LEU A 48 17.01 -7.65 6.13
N GLU A 49 17.16 -7.81 7.44
CA GLU A 49 18.01 -6.93 8.28
C GLU A 49 17.57 -5.47 8.21
N ILE A 50 16.27 -5.28 8.37
CA ILE A 50 15.64 -3.98 8.44
C ILE A 50 15.33 -3.69 9.90
N PRO A 51 16.01 -2.68 10.49
CA PRO A 51 15.76 -2.28 11.88
C PRO A 51 14.31 -1.92 12.10
N HIS A 52 13.69 -2.50 13.13
CA HIS A 52 12.26 -2.25 13.35
C HIS A 52 11.88 -2.45 14.80
N GLU A 53 10.70 -1.96 15.15
CA GLU A 53 10.12 -2.19 16.46
C GLU A 53 8.78 -2.89 16.27
N THR A 54 8.46 -3.77 17.21
CA THR A 54 7.24 -4.57 17.12
C THR A 54 6.45 -4.36 18.42
N LEU A 55 5.26 -3.79 18.30
CA LEU A 55 4.56 -3.26 19.46
C LEU A 55 3.08 -3.61 19.43
N ILE A 56 2.44 -3.60 20.60
CA ILE A 56 0.99 -3.66 20.65
C ILE A 56 0.45 -2.23 20.86
N VAL A 57 -0.49 -1.86 20.01
CA VAL A 57 -1.24 -0.59 20.07
C VAL A 57 -2.69 -0.90 19.66
N SER A 58 -3.64 -0.68 20.56
CA SER A 58 -5.05 -0.92 20.29
C SER A 58 -5.78 0.36 20.00
N ALA A 59 -6.43 0.47 18.84
CA ALA A 59 -7.18 1.67 18.51
C ALA A 59 -8.30 1.89 19.53
N HIS A 60 -8.91 0.80 19.99
CA HIS A 60 -10.09 0.95 20.84
C HIS A 60 -9.78 0.94 22.32
N ARG A 61 -8.79 0.17 22.73
CA ARG A 61 -8.43 0.11 24.14
C ARG A 61 -7.35 1.12 24.56
N THR A 62 -6.48 1.54 23.62
CA THR A 62 -5.40 2.48 23.95
C THR A 62 -5.36 3.58 22.89
N PRO A 63 -6.46 4.32 22.73
CA PRO A 63 -6.52 5.33 21.67
C PRO A 63 -5.50 6.46 21.85
N ASP A 64 -5.20 6.85 23.09
CA ASP A 64 -4.18 7.89 23.32
C ASP A 64 -2.78 7.37 22.98
N ARG A 65 -2.54 6.09 23.23
CA ARG A 65 -1.26 5.47 22.86
C ARG A 65 -1.08 5.53 21.35
N LEU A 66 -2.14 5.17 20.63
CA LEU A 66 -2.17 5.25 19.18
C LEU A 66 -1.90 6.68 18.66
N ALA A 67 -2.65 7.66 19.17
CA ALA A 67 -2.47 9.04 18.72
C ALA A 67 -1.03 9.49 18.91
N ASP A 68 -0.44 9.21 20.07
CA ASP A 68 0.94 9.60 20.33
CA ASP A 68 0.94 9.60 20.34
C ASP A 68 1.93 8.86 19.43
N TYR A 69 1.70 7.57 19.23
CA TYR A 69 2.58 6.77 18.39
C TYR A 69 2.62 7.32 16.97
N ALA A 70 1.43 7.53 16.41
CA ALA A 70 1.32 7.98 15.03
C ALA A 70 1.83 9.39 14.88
N ARG A 71 1.48 10.28 15.82
CA ARG A 71 1.90 11.69 15.76
C ARG A 71 3.41 11.84 15.74
N THR A 72 4.10 11.01 16.52
CA THR A 72 5.55 11.16 16.69
C THR A 72 6.38 10.27 15.76
N ALA A 73 5.72 9.44 14.97
CA ALA A 73 6.43 8.44 14.17
C ALA A 73 7.51 9.05 13.26
N ALA A 74 7.14 10.05 12.48
CA ALA A 74 8.09 10.66 11.54
C ALA A 74 9.27 11.32 12.25
N GLU A 75 9.00 12.06 13.31
CA GLU A 75 10.10 12.74 13.99
C GLU A 75 11.01 11.75 14.72
N ARG A 76 10.50 10.56 15.04
CA ARG A 76 11.35 9.50 15.61
C ARG A 76 12.20 8.77 14.56
N GLY A 77 11.94 9.05 13.28
CA GLY A 77 12.73 8.48 12.20
C GLY A 77 12.11 7.27 11.55
N LEU A 78 10.89 6.90 11.93
CA LEU A 78 10.20 5.83 11.23
C LEU A 78 9.92 6.27 9.80
N ASN A 79 9.95 5.32 8.89
CA ASN A 79 9.62 5.61 7.50
C ASN A 79 8.35 4.89 7.04
N VAL A 80 8.04 3.73 7.63
CA VAL A 80 6.85 2.98 7.28
C VAL A 80 6.22 2.39 8.55
N ILE A 81 4.90 2.43 8.62
CA ILE A 81 4.19 1.73 9.67
C ILE A 81 3.37 0.58 9.08
N ILE A 82 3.52 -0.60 9.67
CA ILE A 82 2.74 -1.77 9.34
C ILE A 82 1.79 -1.99 10.51
N ALA A 83 0.49 -1.96 10.25
CA ALA A 83 -0.51 -2.06 11.30
C ALA A 83 -1.47 -3.22 11.04
N GLY A 84 -1.57 -4.13 12.00
CA GLY A 84 -2.47 -5.28 11.88
C GLY A 84 -3.57 -5.25 12.90
N ALA A 85 -4.79 -5.56 12.46
CA ALA A 85 -5.94 -5.64 13.37
C ALA A 85 -7.05 -6.50 12.74
N GLY A 86 -7.94 -7.00 13.59
CA GLY A 86 -9.06 -7.82 13.15
C GLY A 86 -10.42 -7.27 13.60
N GLY A 87 -11.49 -7.72 12.95
CA GLY A 87 -12.83 -7.31 13.33
C GLY A 87 -13.11 -5.94 12.74
N ALA A 88 -13.72 -5.07 13.53
CA ALA A 88 -13.82 -3.66 13.16
C ALA A 88 -12.42 -3.08 13.31
N ALA A 89 -11.63 -3.20 12.25
CA ALA A 89 -10.21 -2.99 12.32
C ALA A 89 -9.88 -1.54 11.98
N HIS A 90 -9.68 -0.75 13.01
CA HIS A 90 -9.54 0.70 12.87
C HIS A 90 -8.09 1.18 13.02
N LEU A 91 -7.23 0.32 13.54
CA LEU A 91 -5.85 0.73 13.86
C LEU A 91 -5.07 1.33 12.66
N PRO A 92 -5.06 0.68 11.49
CA PRO A 92 -4.30 1.26 10.37
C PRO A 92 -4.83 2.64 9.94
N GLY A 93 -6.14 2.74 9.83
CA GLY A 93 -6.76 3.97 9.35
C GLY A 93 -6.53 5.14 10.29
N MET A 94 -6.62 4.87 11.59
CA MET A 94 -6.44 5.93 12.57
C MET A 94 -4.98 6.32 12.64
N CYS A 95 -4.09 5.36 12.42
CA CYS A 95 -2.68 5.69 12.35
CA CYS A 95 -2.66 5.69 12.30
C CYS A 95 -2.42 6.65 11.18
N ALA A 96 -2.97 6.31 10.00
CA ALA A 96 -2.81 7.14 8.82
C ALA A 96 -3.41 8.53 9.01
N ALA A 97 -4.42 8.62 9.85
CA ALA A 97 -4.99 9.91 10.11
C ALA A 97 -4.01 10.86 10.83
N FTR A 98 -3.06 10.32 11.56
CA FTR A 98 -2.15 11.12 12.36
CB FTR A 98 -2.14 10.66 13.81
CG FTR A 98 -3.11 11.37 14.73
CD2 FTR A 98 -4.12 10.77 15.51
CE2 FTR A 98 -4.71 11.79 16.25
CE3 FTR A 98 -4.63 9.47 15.63
CD1 FTR A 98 -3.10 12.69 15.05
NE1 FTR A 98 -4.07 12.94 15.96
CZ2 FTR A 98 -5.77 11.55 17.10
CZ3 FTR A 98 -5.67 9.27 16.50
F FTR A 98 -6.17 8.07 16.64
CH2 FTR A 98 -6.25 10.27 17.22
C FTR A 98 -0.75 11.19 11.83
O FTR A 98 0.08 11.86 12.44
N THR A 99 -0.42 10.53 10.75
CA THR A 99 0.92 10.61 10.19
C THR A 99 0.93 10.73 8.70
N ARG A 100 1.94 11.37 8.16
CA ARG A 100 2.12 11.46 6.70
C ARG A 100 2.95 10.28 6.18
N LEU A 101 3.44 9.44 7.07
CA LEU A 101 4.20 8.27 6.65
C LEU A 101 3.28 7.29 5.92
N PRO A 102 3.84 6.50 5.00
CA PRO A 102 3.05 5.40 4.47
C PRO A 102 2.64 4.40 5.56
N VAL A 103 1.35 4.08 5.58
CA VAL A 103 0.78 3.12 6.52
C VAL A 103 0.24 1.94 5.71
N LEU A 104 0.72 0.76 6.09
CA LEU A 104 0.33 -0.48 5.43
C LEU A 104 -0.54 -1.27 6.40
N GLY A 105 -1.65 -1.82 5.91
CA GLY A 105 -2.62 -2.46 6.77
C GLY A 105 -2.75 -3.94 6.51
N VAL A 106 -2.75 -4.73 7.57
CA VAL A 106 -2.88 -6.19 7.50
C VAL A 106 -4.18 -6.58 8.18
N PRO A 107 -5.15 -7.09 7.42
CA PRO A 107 -6.39 -7.61 8.03
C PRO A 107 -6.12 -8.95 8.70
N VAL A 108 -6.39 -9.02 9.99
CA VAL A 108 -6.21 -10.25 10.76
C VAL A 108 -7.50 -11.06 10.62
N GLU A 109 -7.36 -12.35 10.39
CA GLU A 109 -8.51 -13.23 10.26
C GLU A 109 -9.30 -13.24 11.56
N SER A 110 -10.60 -12.99 11.43
CA SER A 110 -11.50 -12.98 12.58
C SER A 110 -12.24 -14.30 12.68
N ARG A 111 -12.77 -14.59 13.86
CA ARG A 111 -13.34 -15.92 14.10
C ARG A 111 -14.56 -16.19 13.23
N ALA A 112 -15.53 -15.28 13.23
CA ALA A 112 -16.81 -15.54 12.58
C ALA A 112 -16.73 -15.24 11.08
N LEU A 113 -16.27 -14.04 10.73
CA LEU A 113 -16.32 -13.58 9.35
C LEU A 113 -15.00 -13.74 8.60
N LYS A 114 -14.05 -14.46 9.21
CA LYS A 114 -12.84 -14.90 8.52
C LYS A 114 -12.03 -13.75 7.90
N GLY A 115 -12.07 -12.59 8.53
CA GLY A 115 -11.31 -11.45 8.07
C GLY A 115 -11.99 -10.59 7.00
N MET A 116 -13.21 -10.92 6.62
CA MET A 116 -13.90 -10.05 5.65
C MET A 116 -14.25 -8.71 6.31
N ASP A 117 -14.62 -8.75 7.60
CA ASP A 117 -14.82 -7.51 8.34
C ASP A 117 -13.51 -6.72 8.46
N SER A 118 -12.43 -7.41 8.82
CA SER A 118 -11.10 -6.81 8.88
C SER A 118 -10.74 -6.12 7.57
N LEU A 119 -10.94 -6.84 6.46
CA LEU A 119 -10.54 -6.35 5.14
C LEU A 119 -11.28 -5.06 4.78
N LEU A 120 -12.61 -5.09 4.89
CA LEU A 120 -13.39 -3.94 4.47
C LEU A 120 -13.13 -2.73 5.39
N SER A 121 -12.91 -2.96 6.68
CA SER A 121 -12.67 -1.91 7.66
CA SER A 121 -12.72 -1.85 7.59
C SER A 121 -11.35 -1.21 7.41
N ILE A 122 -10.43 -1.92 6.76
CA ILE A 122 -9.11 -1.38 6.47
C ILE A 122 -9.02 -0.80 5.06
N VAL A 123 -9.48 -1.52 4.04
CA VAL A 123 -9.21 -1.08 2.67
C VAL A 123 -10.08 0.08 2.20
N GLN A 124 -11.29 0.22 2.75
CA GLN A 124 -12.26 1.14 2.17
C GLN A 124 -12.12 2.61 2.68
N MET A 125 -10.87 3.03 2.88
N MET A 125 -10.89 3.06 2.88
CA MET A 125 -10.56 4.40 3.29
CA MET A 125 -10.66 4.40 3.41
C MET A 125 -11.03 5.38 2.23
C MET A 125 -11.11 5.49 2.44
N PRO A 126 -11.84 6.38 2.61
N PRO A 126 -11.49 6.67 2.96
CA PRO A 126 -12.16 7.48 1.70
CA PRO A 126 -11.92 7.77 2.09
C PRO A 126 -10.95 8.32 1.31
C PRO A 126 -10.78 8.30 1.27
N GLY A 127 -11.05 8.97 0.16
CA GLY A 127 -9.97 9.72 -0.46
C GLY A 127 -9.44 10.79 0.49
N GLY A 128 -8.12 10.84 0.67
CA GLY A 128 -7.47 11.87 1.47
C GLY A 128 -6.56 11.25 2.55
N VAL A 129 -6.90 10.04 2.97
CA VAL A 129 -6.14 9.35 4.03
C VAL A 129 -5.96 7.89 3.63
N PRO A 130 -4.80 7.57 3.03
CA PRO A 130 -4.62 6.22 2.48
C PRO A 130 -4.12 5.16 3.46
N VAL A 131 -4.52 3.91 3.23
CA VAL A 131 -3.85 2.75 3.85
C VAL A 131 -3.62 1.73 2.74
N GLY A 132 -2.36 1.35 2.53
CA GLY A 132 -2.04 0.30 1.57
C GLY A 132 -2.35 -1.03 2.21
N THR A 133 -3.34 -1.73 1.70
CA THR A 133 -3.86 -2.94 2.35
C THR A 133 -3.33 -4.19 1.68
N LEU A 134 -2.97 -5.18 2.51
CA LEU A 134 -2.49 -6.47 2.06
C LEU A 134 -3.54 -7.56 2.36
N ALA A 135 -3.25 -8.79 1.96
CA ALA A 135 -4.18 -9.91 2.09
C ALA A 135 -4.54 -10.23 3.53
N ILE A 136 -5.69 -10.87 3.72
CA ILE A 136 -6.06 -11.39 5.02
C ILE A 136 -5.04 -12.41 5.52
N GLY A 137 -4.57 -12.20 6.75
CA GLY A 137 -3.79 -13.22 7.44
C GLY A 137 -2.29 -13.17 7.20
N ALA A 138 -1.67 -14.32 7.39
CA ALA A 138 -0.21 -14.42 7.37
C ALA A 138 0.41 -13.98 6.06
N SER A 139 -0.26 -14.26 4.93
CA SER A 139 0.24 -13.78 3.63
C SER A 139 0.38 -12.27 3.59
N GLY A 140 -0.63 -11.59 4.15
CA GLY A 140 -0.63 -10.14 4.19
C GLY A 140 0.43 -9.58 5.12
N ALA A 141 0.67 -10.25 6.24
CA ALA A 141 1.70 -9.83 7.18
C ALA A 141 3.08 -9.89 6.50
N LYS A 142 3.35 -10.99 5.82
CA LYS A 142 4.60 -11.15 5.11
CA LYS A 142 4.60 -11.15 5.07
C LYS A 142 4.71 -10.08 4.00
N ASN A 143 3.62 -9.87 3.28
CA ASN A 143 3.66 -8.92 2.19
C ASN A 143 3.74 -7.49 2.63
N ALA A 144 3.26 -7.19 3.84
CA ALA A 144 3.41 -5.84 4.37
C ALA A 144 4.88 -5.56 4.62
N ALA A 145 5.59 -6.54 5.18
CA ALA A 145 7.02 -6.43 5.39
C ALA A 145 7.78 -6.26 4.07
N LEU A 146 7.41 -7.04 3.07
CA LEU A 146 8.07 -6.96 1.77
C LEU A 146 7.76 -5.64 1.07
N LEU A 147 6.54 -5.14 1.20
CA LEU A 147 6.21 -3.84 0.61
C LEU A 147 6.98 -2.74 1.34
N ALA A 148 7.11 -2.83 2.66
CA ALA A 148 7.93 -1.88 3.41
C ALA A 148 9.37 -1.93 2.91
N ALA A 149 9.88 -3.15 2.70
CA ALA A 149 11.24 -3.31 2.20
C ALA A 149 11.39 -2.68 0.81
N SER A 150 10.39 -2.88 -0.06
CA SER A 150 10.47 -2.32 -1.41
CA SER A 150 10.39 -2.31 -1.41
C SER A 150 10.49 -0.79 -1.37
N ILE A 151 9.79 -0.19 -0.40
CA ILE A 151 9.80 1.26 -0.18
C ILE A 151 11.19 1.73 0.29
N LEU A 152 11.73 1.06 1.31
CA LEU A 152 13.04 1.42 1.82
C LEU A 152 14.15 1.21 0.79
N ALA A 153 13.98 0.20 -0.07
CA ALA A 153 14.99 -0.12 -1.08
C ALA A 153 15.19 1.00 -2.10
N LEU A 154 14.21 1.87 -2.23
CA LEU A 154 14.33 3.02 -3.14
C LEU A 154 15.51 3.92 -2.78
N TYR A 155 15.88 3.96 -1.50
CA TYR A 155 16.90 4.86 -1.00
CA TYR A 155 17.01 4.82 -1.11
C TYR A 155 18.15 4.15 -0.44
C TYR A 155 17.95 4.12 -0.13
N ASN A 156 18.09 2.82 -0.34
CA ASN A 156 19.11 2.02 0.36
C ASN A 156 19.58 0.91 -0.58
N PRO A 157 20.70 1.12 -1.26
CA PRO A 157 21.15 0.14 -2.27
C PRO A 157 21.51 -1.23 -1.71
N ALA A 158 22.07 -1.27 -0.50
CA ALA A 158 22.42 -2.56 0.09
C ALA A 158 21.14 -3.37 0.33
N LEU A 159 20.12 -2.71 0.86
CA LEU A 159 18.82 -3.37 1.06
C LEU A 159 18.18 -3.76 -0.26
N ALA A 160 18.28 -2.90 -1.27
CA ALA A 160 17.72 -3.22 -2.58
C ALA A 160 18.33 -4.54 -3.10
N ALA A 161 19.62 -4.70 -2.90
CA ALA A 161 20.29 -5.93 -3.31
C ALA A 161 19.79 -7.15 -2.55
N ARG A 162 19.62 -7.02 -1.23
CA ARG A 162 19.10 -8.13 -0.44
C ARG A 162 17.67 -8.48 -0.87
N LEU A 163 16.87 -7.45 -1.20
CA LEU A 163 15.50 -7.67 -1.64
C LEU A 163 15.49 -8.40 -2.99
N GLU A 164 16.39 -8.02 -3.89
CA GLU A 164 16.45 -8.69 -5.18
C GLU A 164 16.89 -10.14 -5.00
N THR A 165 17.81 -10.38 -4.07
CA THR A 165 18.18 -11.75 -3.71
C THR A 165 17.00 -12.54 -3.16
N PHE A 166 16.25 -11.94 -2.24
CA PHE A 166 15.05 -12.56 -1.72
C PHE A 166 14.09 -12.97 -2.86
N ARG A 167 13.81 -12.04 -3.76
CA ARG A 167 12.87 -12.34 -4.84
CA ARG A 167 12.90 -12.30 -4.88
C ARG A 167 13.43 -13.38 -5.81
N ALA A 168 14.74 -13.31 -6.08
CA ALA A 168 15.38 -14.30 -6.96
C ALA A 168 15.31 -15.70 -6.37
N LEU A 169 15.51 -15.81 -5.06
CA LEU A 169 15.47 -17.11 -4.41
C LEU A 169 14.04 -17.66 -4.36
N GLN A 170 13.08 -16.78 -4.12
CA GLN A 170 11.68 -17.15 -4.14
C GLN A 170 11.29 -17.73 -5.51
N THR A 171 11.70 -17.04 -6.56
CA THR A 171 11.42 -17.48 -7.93
C THR A 171 12.12 -18.80 -8.26
N ALA A 172 13.41 -18.89 -7.92
CA ALA A 172 14.22 -20.04 -8.30
C ALA A 172 13.82 -21.30 -7.54
N SER A 173 13.30 -21.11 -6.32
CA SER A 173 12.98 -22.20 -5.42
C SER A 173 11.69 -22.95 -5.75
N VAL A 174 10.88 -22.40 -6.64
CA VAL A 174 9.61 -23.05 -6.95
C VAL A 174 9.92 -24.32 -7.72
N PRO A 175 9.46 -25.46 -7.25
CA PRO A 175 9.73 -26.68 -7.97
C PRO A 175 9.01 -26.75 -9.29
N ASN A 176 9.50 -27.60 -10.16
CA ASN A 176 8.89 -27.77 -11.44
C ASN A 176 7.74 -28.71 -11.44
N SER A 177 7.73 -29.60 -10.50
CA SER A 177 6.65 -30.54 -10.39
C SER A 177 6.35 -30.90 -8.99
N PRO A 178 5.04 -31.29 -8.82
CA PRO A 178 4.68 -31.61 -7.45
C PRO A 178 5.12 -32.98 -7.02
N ILE A 179 5.14 -33.16 -5.73
CA ILE A 179 5.53 -34.37 -5.09
C ILE A 179 4.28 -35.08 -4.63
N THR A 180 4.36 -36.38 -4.74
CA THR A 180 3.35 -37.31 -4.34
C THR A 180 2.60 -36.86 -3.09
N SER B 21 10.49 16.72 -17.12
CA SER B 21 11.19 15.94 -16.10
C SER B 21 10.77 14.47 -16.15
N ALA B 22 11.73 13.61 -15.81
CA ALA B 22 11.55 12.16 -15.96
C ALA B 22 10.56 11.60 -14.93
N PRO B 23 9.70 10.66 -15.35
CA PRO B 23 8.65 10.18 -14.45
C PRO B 23 9.20 9.38 -13.26
N VAL B 24 8.61 9.52 -12.08
CA VAL B 24 9.01 8.71 -10.94
C VAL B 24 7.87 7.83 -10.47
N VAL B 25 6.67 8.09 -10.98
CA VAL B 25 5.54 7.21 -10.76
C VAL B 25 4.95 6.84 -12.11
N GLY B 26 4.60 5.56 -12.28
CA GLY B 26 3.85 5.15 -13.46
C GLY B 26 2.45 4.73 -13.05
N ILE B 27 1.46 5.34 -13.69
CA ILE B 27 0.06 4.96 -13.52
C ILE B 27 -0.31 4.12 -14.75
N ILE B 28 -0.69 2.88 -14.52
CA ILE B 28 -1.08 1.98 -15.61
C ILE B 28 -2.47 1.45 -15.33
N MET B 29 -3.20 1.21 -16.41
CA MET B 29 -4.57 0.73 -16.30
C MET B 29 -4.91 -0.15 -17.47
N GLY B 30 -5.89 -1.01 -17.25
CA GLY B 30 -6.21 -2.01 -18.24
C GLY B 30 -6.94 -1.54 -19.49
N SER B 31 -7.58 -0.38 -19.42
CA SER B 31 -8.48 0.05 -20.49
C SER B 31 -8.77 1.55 -20.38
N GLN B 32 -9.29 2.12 -21.46
CA GLN B 32 -9.78 3.50 -21.48
C GLN B 32 -10.90 3.68 -20.46
N SER B 33 -11.75 2.68 -20.36
CA SER B 33 -12.86 2.67 -19.42
C SER B 33 -12.33 2.88 -17.99
N ASP B 34 -11.22 2.25 -17.66
CA ASP B 34 -10.63 2.39 -16.32
C ASP B 34 -10.13 3.81 -16.04
N PHE B 35 -9.86 4.59 -17.07
CA PHE B 35 -9.35 5.94 -16.86
C PHE B 35 -10.36 6.85 -16.15
N GLU B 36 -11.66 6.56 -16.22
CA GLU B 36 -12.63 7.39 -15.51
C GLU B 36 -12.33 7.35 -14.00
N THR B 37 -11.81 6.22 -13.57
CA THR B 37 -11.31 6.04 -12.19
C THR B 37 -9.88 6.54 -12.02
N MET B 38 -8.98 6.10 -12.89
CA MET B 38 -7.58 6.34 -12.66
C MET B 38 -7.15 7.77 -12.91
N ARG B 39 -8.00 8.54 -13.59
CA ARG B 39 -7.68 9.95 -13.82
C ARG B 39 -7.56 10.69 -12.50
N HIS B 40 -8.20 10.18 -11.44
CA HIS B 40 -8.11 10.82 -10.15
C HIS B 40 -6.74 10.69 -9.56
N ALA B 41 -6.05 9.57 -9.85
CA ALA B 41 -4.67 9.41 -9.41
C ALA B 41 -3.77 10.38 -10.19
N ASP B 42 -3.99 10.46 -11.50
CA ASP B 42 -3.20 11.34 -12.36
C ASP B 42 -3.32 12.79 -11.91
N ALA B 43 -4.53 13.25 -11.63
CA ALA B 43 -4.76 14.61 -11.19
C ALA B 43 -4.06 14.92 -9.88
N LEU B 44 -4.08 13.99 -8.94
CA LEU B 44 -3.49 14.27 -7.65
C LEU B 44 -1.97 14.33 -7.74
N LEU B 45 -1.35 13.46 -8.53
CA LEU B 45 0.09 13.56 -8.70
C LEU B 45 0.45 14.90 -9.32
N THR B 46 -0.33 15.36 -10.29
CA THR B 46 -0.08 16.67 -10.90
C THR B 46 -0.23 17.78 -9.85
N GLU B 47 -1.22 17.68 -8.98
CA GLU B 47 -1.41 18.70 -7.95
C GLU B 47 -0.21 18.78 -7.00
N LEU B 48 0.37 17.63 -6.68
CA LEU B 48 1.50 17.58 -5.76
C LEU B 48 2.85 17.72 -6.49
N GLU B 49 2.80 17.97 -7.79
CA GLU B 49 3.99 18.21 -8.61
C GLU B 49 4.94 17.00 -8.61
N ILE B 50 4.35 15.83 -8.79
CA ILE B 50 5.11 14.59 -8.94
C ILE B 50 5.10 14.18 -10.40
N PRO B 51 6.28 14.17 -11.05
CA PRO B 51 6.34 13.72 -12.45
C PRO B 51 5.94 12.28 -12.61
N HIS B 52 5.10 12.01 -13.62
CA HIS B 52 4.58 10.67 -13.81
C HIS B 52 4.22 10.41 -15.25
N GLU B 53 4.02 9.14 -15.56
CA GLU B 53 3.50 8.75 -16.86
C GLU B 53 2.20 7.98 -16.65
N THR B 54 1.29 8.11 -17.60
CA THR B 54 -0.02 7.49 -17.48
C THR B 54 -0.29 6.71 -18.76
N LEU B 55 -0.48 5.41 -18.61
CA LEU B 55 -0.45 4.49 -19.73
C LEU B 55 -1.54 3.45 -19.64
N ILE B 56 -1.89 2.87 -20.79
CA ILE B 56 -2.77 1.70 -20.80
C ILE B 56 -1.88 0.48 -21.02
N VAL B 57 -2.05 -0.50 -20.14
CA VAL B 57 -1.37 -1.80 -20.20
C VAL B 57 -2.38 -2.84 -19.76
N SER B 58 -2.74 -3.75 -20.66
CA SER B 58 -3.70 -4.80 -20.34
C SER B 58 -2.98 -6.09 -20.01
N ALA B 59 -3.27 -6.66 -18.85
CA ALA B 59 -2.65 -7.94 -18.48
C ALA B 59 -3.10 -9.03 -19.45
N HIS B 60 -4.34 -8.96 -19.92
CA HIS B 60 -4.90 -10.04 -20.70
C HIS B 60 -4.78 -9.85 -22.18
N ARG B 61 -4.80 -8.60 -22.65
CA ARG B 61 -4.69 -8.32 -24.08
C ARG B 61 -3.29 -7.90 -24.52
N THR B 62 -2.47 -7.36 -23.61
CA THR B 62 -1.07 -7.02 -23.95
C THR B 62 -0.08 -7.57 -22.91
N PRO B 63 -0.09 -8.90 -22.73
CA PRO B 63 0.73 -9.45 -21.66
C PRO B 63 2.24 -9.23 -21.86
N ASP B 64 2.72 -9.25 -23.11
CA ASP B 64 4.15 -9.01 -23.34
C ASP B 64 4.52 -7.56 -23.07
N ARG B 65 3.61 -6.63 -23.36
CA ARG B 65 3.80 -5.23 -22.98
C ARG B 65 3.91 -5.05 -21.46
N LEU B 66 3.06 -5.75 -20.72
CA LEU B 66 3.10 -5.70 -19.26
C LEU B 66 4.44 -6.22 -18.72
N ALA B 67 4.87 -7.38 -19.22
CA ALA B 67 6.14 -7.96 -18.78
C ALA B 67 7.28 -6.98 -18.98
N ASP B 68 7.37 -6.41 -20.17
CA ASP B 68 8.43 -5.46 -20.49
CA ASP B 68 8.43 -5.47 -20.47
C ASP B 68 8.36 -4.21 -19.63
N TYR B 69 7.15 -3.69 -19.40
CA TYR B 69 6.99 -2.45 -18.67
C TYR B 69 7.45 -2.63 -17.24
N ALA B 70 6.98 -3.72 -16.64
CA ALA B 70 7.33 -4.01 -15.27
C ALA B 70 8.80 -4.37 -15.10
N ARG B 71 9.34 -5.21 -16.00
CA ARG B 71 10.76 -5.58 -15.95
C ARG B 71 11.68 -4.40 -15.97
N THR B 72 11.34 -3.38 -16.77
CA THR B 72 12.25 -2.27 -17.00
C THR B 72 11.97 -1.04 -16.16
N ALA B 73 10.95 -1.10 -15.31
CA ALA B 73 10.47 0.08 -14.60
C ALA B 73 11.57 0.71 -13.72
N ALA B 74 12.27 -0.12 -12.96
CA ALA B 74 13.27 0.38 -12.04
C ALA B 74 14.46 1.01 -12.76
N GLU B 75 14.95 0.36 -13.81
CA GLU B 75 16.08 0.90 -14.56
C GLU B 75 15.70 2.19 -15.27
N ARG B 76 14.42 2.36 -15.60
CA ARG B 76 13.96 3.62 -16.19
C ARG B 76 13.82 4.75 -15.15
N GLY B 77 14.04 4.47 -13.87
CA GLY B 77 13.93 5.51 -12.85
C GLY B 77 12.57 5.64 -12.15
N LEU B 78 11.62 4.77 -12.50
CA LEU B 78 10.38 4.75 -11.75
C LEU B 78 10.64 4.28 -10.32
N ASN B 79 9.87 4.85 -9.39
CA ASN B 79 9.97 4.50 -7.98
C ASN B 79 8.70 3.77 -7.47
N VAL B 80 7.54 4.09 -8.06
CA VAL B 80 6.27 3.52 -7.63
C VAL B 80 5.39 3.26 -8.85
N ILE B 81 4.69 2.13 -8.84
CA ILE B 81 3.69 1.88 -9.87
CA ILE B 81 3.69 1.82 -9.86
C ILE B 81 2.32 1.83 -9.22
N ILE B 82 1.39 2.57 -9.82
CA ILE B 82 -0.01 2.57 -9.47
C ILE B 82 -0.73 1.86 -10.62
N ALA B 83 -1.40 0.75 -10.32
CA ALA B 83 -2.07 -0.06 -11.33
C ALA B 83 -3.55 -0.22 -11.00
N GLY B 84 -4.41 0.05 -11.99
CA GLY B 84 -5.85 -0.05 -11.79
C GLY B 84 -6.44 -1.03 -12.77
N ALA B 85 -7.34 -1.87 -12.27
CA ALA B 85 -8.04 -2.84 -13.13
C ALA B 85 -9.32 -3.30 -12.46
N GLY B 86 -10.24 -3.83 -13.27
CA GLY B 86 -11.53 -4.31 -12.78
C GLY B 86 -11.82 -5.75 -13.18
N GLY B 87 -12.78 -6.36 -12.49
CA GLY B 87 -13.21 -7.71 -12.82
C GLY B 87 -12.20 -8.70 -12.25
N ALA B 88 -11.78 -9.65 -13.09
CA ALA B 88 -10.62 -10.50 -12.77
C ALA B 88 -9.38 -9.63 -12.97
N ALA B 89 -9.03 -8.89 -11.93
CA ALA B 89 -8.09 -7.79 -12.05
C ALA B 89 -6.69 -8.28 -11.76
N HIS B 90 -5.94 -8.57 -12.82
CA HIS B 90 -4.63 -9.23 -12.68
C HIS B 90 -3.46 -8.29 -12.92
N LEU B 91 -3.74 -7.10 -13.43
CA LEU B 91 -2.67 -6.16 -13.81
C LEU B 91 -1.73 -5.79 -12.63
N PRO B 92 -2.28 -5.39 -11.47
CA PRO B 92 -1.35 -5.01 -10.39
C PRO B 92 -0.45 -6.17 -9.92
N GLY B 93 -1.06 -7.32 -9.73
CA GLY B 93 -0.32 -8.49 -9.27
C GLY B 93 0.77 -8.96 -10.22
N MET B 94 0.48 -8.97 -11.51
CA MET B 94 1.47 -9.43 -12.50
C MET B 94 2.56 -8.39 -12.66
N CYS B 95 2.22 -7.12 -12.51
CA CYS B 95 3.23 -6.08 -12.45
CA CYS B 95 3.23 -6.07 -12.39
C CYS B 95 4.20 -6.35 -11.29
N ALA B 96 3.66 -6.59 -10.10
CA ALA B 96 4.48 -6.87 -8.92
C ALA B 96 5.33 -8.13 -9.08
N ALA B 97 4.87 -9.08 -9.85
CA ALA B 97 5.63 -10.27 -10.08
C ALA B 97 6.94 -10.00 -10.85
N FTR B 98 6.97 -8.91 -11.61
CA FTR B 98 8.09 -8.56 -12.45
CB FTR B 98 7.64 -8.38 -13.87
CG FTR B 98 7.71 -9.60 -14.75
CD2 FTR B 98 6.65 -10.16 -15.49
CE2 FTR B 98 7.17 -11.23 -16.22
CE3 FTR B 98 5.28 -9.89 -15.60
CD1 FTR B 98 8.82 -10.30 -15.09
NE1 FTR B 98 8.51 -11.30 -15.96
CZ2 FTR B 98 6.39 -12.01 -17.03
CZ3 FTR B 98 4.53 -10.70 -16.43
F FTR B 98 3.24 -10.49 -16.55
CH2 FTR B 98 5.05 -11.74 -17.13
C FTR B 98 8.92 -7.39 -12.00
O FTR B 98 9.87 -7.04 -12.69
N THR B 99 8.60 -6.73 -10.91
CA THR B 99 9.38 -5.61 -10.44
C THR B 99 9.56 -5.63 -8.94
N ARG B 100 10.70 -5.19 -8.48
CA ARG B 100 10.90 -5.04 -7.03
C ARG B 100 10.36 -3.71 -6.50
N LEU B 101 9.91 -2.83 -7.39
CA LEU B 101 9.32 -1.56 -6.97
C LEU B 101 8.02 -1.79 -6.17
N PRO B 102 7.70 -0.86 -5.28
CA PRO B 102 6.34 -0.91 -4.69
C PRO B 102 5.24 -0.75 -5.74
N VAL B 103 4.30 -1.66 -5.73
CA VAL B 103 3.14 -1.62 -6.61
C VAL B 103 1.87 -1.43 -5.78
N LEU B 104 1.12 -0.39 -6.13
CA LEU B 104 -0.14 -0.04 -5.47
C LEU B 104 -1.28 -0.36 -6.42
N GLY B 105 -2.31 -1.03 -5.91
CA GLY B 105 -3.41 -1.49 -6.73
C GLY B 105 -4.72 -0.78 -6.44
N VAL B 106 -5.42 -0.38 -7.49
CA VAL B 106 -6.72 0.26 -7.38
C VAL B 106 -7.79 -0.64 -8.00
N PRO B 107 -8.72 -1.17 -7.20
CA PRO B 107 -9.82 -1.95 -7.75
C PRO B 107 -10.84 -1.06 -8.44
N VAL B 108 -11.07 -1.30 -9.72
CA VAL B 108 -12.07 -0.54 -10.46
C VAL B 108 -13.43 -1.19 -10.29
N GLU B 109 -14.44 -0.35 -10.09
CA GLU B 109 -15.76 -0.84 -9.83
C GLU B 109 -16.25 -1.55 -11.08
N SER B 110 -16.80 -2.74 -10.87
CA SER B 110 -17.30 -3.59 -11.96
C SER B 110 -18.82 -3.54 -11.99
N ARG B 111 -19.40 -3.86 -13.14
CA ARG B 111 -20.83 -3.69 -13.33
C ARG B 111 -21.68 -4.58 -12.40
N ALA B 112 -21.49 -5.88 -12.44
CA ALA B 112 -22.36 -6.79 -11.69
C ALA B 112 -21.99 -6.83 -10.22
N LEU B 113 -20.71 -7.04 -9.93
CA LEU B 113 -20.26 -7.30 -8.57
C LEU B 113 -19.68 -6.06 -7.85
N LYS B 114 -19.78 -4.89 -8.47
CA LYS B 114 -19.52 -3.58 -7.88
C LYS B 114 -18.12 -3.48 -7.29
N GLY B 115 -17.20 -4.14 -7.97
CA GLY B 115 -15.81 -4.11 -7.56
C GLY B 115 -15.39 -5.12 -6.50
N MET B 116 -16.30 -5.97 -6.02
CA MET B 116 -15.90 -7.02 -5.06
CA MET B 116 -15.88 -7.01 -5.06
C MET B 116 -14.94 -8.01 -5.73
N ASP B 117 -15.20 -8.31 -7.00
CA ASP B 117 -14.29 -9.18 -7.76
C ASP B 117 -12.93 -8.48 -7.96
N SER B 118 -12.96 -7.21 -8.34
CA SER B 118 -11.75 -6.43 -8.48
C SER B 118 -10.95 -6.42 -7.18
N LEU B 119 -11.62 -6.17 -6.07
CA LEU B 119 -10.94 -6.06 -4.78
C LEU B 119 -10.23 -7.36 -4.41
N LEU B 120 -10.96 -8.47 -4.47
CA LEU B 120 -10.40 -9.73 -4.03
C LEU B 120 -9.26 -10.18 -4.96
N SER B 121 -9.39 -9.93 -6.26
CA SER B 121 -8.36 -10.29 -7.25
CA SER B 121 -8.35 -10.36 -7.20
C SER B 121 -7.06 -9.53 -7.05
N ILE B 122 -7.14 -8.35 -6.41
CA ILE B 122 -5.95 -7.51 -6.21
C ILE B 122 -5.36 -7.70 -4.81
N VAL B 123 -6.21 -7.69 -3.78
CA VAL B 123 -5.69 -7.63 -2.43
C VAL B 123 -5.18 -9.00 -1.93
N GLN B 124 -5.72 -10.10 -2.43
CA GLN B 124 -5.44 -11.42 -1.86
C GLN B 124 -4.18 -12.10 -2.43
N MET B 125 -3.14 -11.30 -2.66
CA MET B 125 -1.85 -11.81 -3.13
C MET B 125 -1.22 -12.72 -2.10
N PRO B 126 -0.66 -13.84 -2.55
CA PRO B 126 0.04 -14.75 -1.65
C PRO B 126 1.32 -14.15 -1.13
N GLY B 127 1.78 -14.61 0.04
CA GLY B 127 2.98 -14.05 0.62
C GLY B 127 4.15 -14.20 -0.33
N GLY B 128 4.92 -13.13 -0.52
CA GLY B 128 6.07 -13.17 -1.41
C GLY B 128 6.05 -12.07 -2.47
N VAL B 129 4.84 -11.75 -2.92
CA VAL B 129 4.65 -10.74 -3.98
C VAL B 129 3.55 -9.78 -3.57
N PRO B 130 3.91 -8.61 -3.02
CA PRO B 130 2.90 -7.70 -2.48
C PRO B 130 2.25 -6.76 -3.50
N VAL B 131 0.99 -6.43 -3.26
CA VAL B 131 0.35 -5.27 -3.87
C VAL B 131 -0.39 -4.49 -2.74
N GLY B 132 0.02 -3.25 -2.52
CA GLY B 132 -0.65 -2.39 -1.56
C GLY B 132 -1.97 -1.92 -2.16
N THR B 133 -3.08 -2.36 -1.60
CA THR B 133 -4.39 -2.18 -2.24
C THR B 133 -5.16 -1.03 -1.58
N LEU B 134 -5.81 -0.22 -2.41
CA LEU B 134 -6.62 0.90 -1.95
C LEU B 134 -8.11 0.61 -2.18
N ALA B 135 -8.98 1.55 -1.80
CA ALA B 135 -10.42 1.34 -1.84
C ALA B 135 -10.94 1.16 -3.27
N ILE B 136 -12.10 0.55 -3.38
CA ILE B 136 -12.75 0.43 -4.68
C ILE B 136 -13.05 1.82 -5.22
N GLY B 137 -12.67 2.08 -6.48
CA GLY B 137 -13.13 3.26 -7.17
C GLY B 137 -12.28 4.50 -7.03
N ALA B 138 -12.92 5.65 -7.24
CA ALA B 138 -12.20 6.92 -7.29
C ALA B 138 -11.45 7.26 -6.02
N SER B 139 -12.03 6.90 -4.86
CA SER B 139 -11.32 7.09 -3.58
C SER B 139 -10.01 6.38 -3.55
N GLY B 140 -10.01 5.14 -4.06
CA GLY B 140 -8.81 4.34 -4.13
C GLY B 140 -7.76 4.94 -5.04
N ALA B 141 -8.19 5.45 -6.19
CA ALA B 141 -7.25 6.09 -7.12
C ALA B 141 -6.60 7.29 -6.48
N LYS B 142 -7.41 8.16 -5.88
CA LYS B 142 -6.88 9.32 -5.18
C LYS B 142 -5.89 8.89 -4.09
N ASN B 143 -6.28 7.89 -3.30
CA ASN B 143 -5.41 7.44 -2.23
C ASN B 143 -4.15 6.72 -2.70
N ALA B 144 -4.18 6.09 -3.86
CA ALA B 144 -2.97 5.48 -4.41
C ALA B 144 -1.95 6.57 -4.73
N ALA B 145 -2.42 7.70 -5.27
CA ALA B 145 -1.56 8.83 -5.57
C ALA B 145 -0.99 9.38 -4.27
N LEU B 146 -1.82 9.46 -3.23
CA LEU B 146 -1.39 10.03 -1.96
C LEU B 146 -0.41 9.10 -1.27
N LEU B 147 -0.62 7.79 -1.39
CA LEU B 147 0.30 6.83 -0.78
C LEU B 147 1.62 6.86 -1.52
N ALA B 148 1.58 6.96 -2.85
CA ALA B 148 2.79 7.14 -3.65
C ALA B 148 3.52 8.40 -3.21
N ALA B 149 2.79 9.48 -2.97
CA ALA B 149 3.41 10.72 -2.51
C ALA B 149 4.08 10.54 -1.15
N SER B 150 3.43 9.79 -0.24
CA SER B 150 4.00 9.60 1.09
CA SER B 150 3.97 9.53 1.10
C SER B 150 5.30 8.79 1.01
N ILE B 151 5.38 7.86 0.06
CA ILE B 151 6.59 7.09 -0.19
C ILE B 151 7.70 7.98 -0.68
N LEU B 152 7.41 8.78 -1.71
CA LEU B 152 8.40 9.68 -2.29
C LEU B 152 8.85 10.78 -1.31
N ALA B 153 7.94 11.20 -0.43
CA ALA B 153 8.22 12.25 0.53
C ALA B 153 9.27 11.84 1.57
N LEU B 154 9.51 10.54 1.70
CA LEU B 154 10.54 10.04 2.62
C LEU B 154 11.92 10.57 2.25
N TYR B 155 12.17 10.80 0.96
CA TYR B 155 13.48 11.22 0.49
CA TYR B 155 13.47 11.27 0.51
C TYR B 155 13.48 12.59 -0.21
C TYR B 155 13.30 12.39 -0.50
N ASN B 156 12.33 13.26 -0.20
CA ASN B 156 12.14 14.51 -0.94
C ASN B 156 11.49 15.54 0.00
N PRO B 157 12.29 16.38 0.66
CA PRO B 157 11.76 17.33 1.65
C PRO B 157 10.79 18.34 1.08
N ALA B 158 11.01 18.84 -0.13
CA ALA B 158 10.05 19.75 -0.77
C ALA B 158 8.69 19.07 -0.89
N LEU B 159 8.68 17.82 -1.35
CA LEU B 159 7.41 17.11 -1.51
C LEU B 159 6.78 16.82 -0.15
N ALA B 160 7.60 16.45 0.83
CA ALA B 160 7.11 16.21 2.18
C ALA B 160 6.34 17.44 2.68
N ALA B 161 6.87 18.62 2.41
CA ALA B 161 6.22 19.86 2.83
C ALA B 161 4.90 20.10 2.08
N ARG B 162 4.87 19.77 0.78
CA ARG B 162 3.64 19.89 0.02
C ARG B 162 2.56 18.92 0.52
N LEU B 163 2.98 17.72 0.90
CA LEU B 163 2.07 16.71 1.40
C LEU B 163 1.52 17.12 2.77
N GLU B 164 2.36 17.70 3.62
CA GLU B 164 1.92 18.16 4.93
CA GLU B 164 1.93 18.17 4.94
C GLU B 164 0.93 19.32 4.79
N THR B 165 1.17 20.18 3.81
CA THR B 165 0.26 21.29 3.52
C THR B 165 -1.07 20.74 3.03
N PHE B 166 -1.02 19.76 2.12
CA PHE B 166 -2.22 19.11 1.63
C PHE B 166 -3.04 18.54 2.79
N ARG B 167 -2.39 17.85 3.71
CA ARG B 167 -3.12 17.23 4.81
C ARG B 167 -3.66 18.27 5.79
N ALA B 168 -2.91 19.36 6.00
CA ALA B 168 -3.34 20.41 6.91
C ALA B 168 -4.58 21.12 6.34
N LEU B 169 -4.58 21.34 5.03
CA LEU B 169 -5.71 22.04 4.40
C LEU B 169 -6.95 21.16 4.43
N GLN B 170 -6.72 19.87 4.27
CA GLN B 170 -7.79 18.90 4.31
C GLN B 170 -8.48 18.99 5.67
N THR B 171 -7.69 18.98 6.72
CA THR B 171 -8.19 19.04 8.08
C THR B 171 -8.90 20.35 8.34
N ALA B 172 -8.30 21.45 7.89
CA ALA B 172 -8.85 22.76 8.14
C ALA B 172 -10.14 23.04 7.37
N SER B 173 -10.39 22.26 6.31
CA SER B 173 -11.56 22.51 5.46
CA SER B 173 -11.56 22.49 5.45
C SER B 173 -12.83 21.81 5.96
N VAL B 174 -12.72 21.04 7.04
CA VAL B 174 -13.85 20.34 7.59
C VAL B 174 -14.63 21.30 8.49
N PRO B 175 -15.91 21.56 8.16
CA PRO B 175 -16.65 22.51 8.99
C PRO B 175 -17.07 21.87 10.29
N ASN B 176 -17.57 22.68 11.21
CA ASN B 176 -18.01 22.17 12.51
C ASN B 176 -19.40 21.57 12.48
N SER B 177 -20.22 21.99 11.53
CA SER B 177 -21.59 21.48 11.50
C SER B 177 -22.12 21.44 10.08
N PRO B 178 -23.15 20.63 9.85
CA PRO B 178 -23.66 20.46 8.50
C PRO B 178 -24.58 21.57 8.07
N ILE B 179 -24.76 21.69 6.77
CA ILE B 179 -25.74 22.60 6.19
C ILE B 179 -27.09 21.88 6.04
N THR B 180 -28.16 22.49 6.57
CA THR B 180 -29.50 21.98 6.36
C THR B 180 -30.20 22.66 5.18
N GLU B 181 -30.59 21.87 4.19
CA GLU B 181 -31.27 22.32 2.96
C GLU B 181 -32.32 21.34 2.50
N ASP B 182 -33.22 21.80 1.62
CA ASP B 182 -34.12 20.91 0.91
C ASP B 182 -33.45 20.25 -0.31
C ACT C . 21.76 -1.60 5.13
O ACT C . 20.72 -1.94 4.61
OXT ACT C . 22.61 -2.43 5.41
CH3 ACT C . 22.00 -0.16 5.42
C1 CIT D . -7.45 -6.62 17.51
O1 CIT D . -6.97 -6.57 16.40
O2 CIT D . -7.02 -7.43 18.42
C2 CIT D . -8.61 -5.79 17.97
C3 CIT D . -8.28 -4.30 17.97
O7 CIT D . -7.13 -4.08 18.79
C4 CIT D . -8.00 -3.84 16.54
C5 CIT D . -7.81 -2.36 16.42
O3 CIT D . -8.34 -1.73 15.52
O4 CIT D . -7.01 -1.87 17.33
C6 CIT D . -9.42 -3.45 18.52
O5 CIT D . -10.58 -3.63 18.19
O6 CIT D . -9.01 -2.53 19.34
C ACT E . 10.41 18.68 -5.73
O ACT E . 9.88 19.77 -5.62
OXT ACT E . 9.75 17.66 -5.58
CH3 ACT E . 11.86 18.59 -6.03
C1 CIT F . -9.83 -3.68 -17.31
O1 CIT F . -10.32 -2.95 -18.14
O2 CIT F . -9.40 -3.25 -16.16
C2 CIT F . -9.73 -5.15 -17.60
C3 CIT F . -8.28 -5.62 -17.72
O7 CIT F . -7.53 -4.67 -18.44
C4 CIT F . -7.71 -5.77 -16.32
C5 CIT F . -6.30 -6.25 -16.37
O3 CIT F . -5.51 -5.88 -17.24
O4 CIT F . -6.08 -7.07 -15.38
C6 CIT F . -8.13 -6.96 -18.44
O5 CIT F . -7.33 -7.11 -19.34
O6 CIT F . -8.91 -7.85 -17.94
K K G . -17.61 26.55 8.70
C7 PGF H . -17.23 27.69 12.75
C8 PGF H . -15.86 27.59 11.97
O5 PGF H . -15.66 26.19 11.49
C9 PGF H . -14.34 25.89 10.97
C10 PGF H . -14.16 26.45 9.53
O6 PGF H . -14.50 25.44 8.56
C11 PGF H . -14.06 25.71 7.21
C12 PGF H . -14.96 25.02 6.27
O7 PGF H . -16.14 25.76 6.12
C13 PGF H . -16.86 25.45 4.90
C14 PGF H . -18.25 26.08 4.93
O8 PGF H . -18.87 25.76 6.19
C15 PGF H . -20.27 26.00 6.34
#